data_3R2G
#
_entry.id   3R2G
#
_cell.length_a   115.131
_cell.length_b   115.131
_cell.length_c   63.104
_cell.angle_alpha   90.00
_cell.angle_beta   90.00
_cell.angle_gamma   90.00
#
_symmetry.space_group_name_H-M   'I 4'
#
loop_
_entity.id
_entity.type
_entity.pdbx_description
1 polymer "Inosine 5'-monophosphate dehydrogenase"
2 water water
#
_entity_poly.entity_id   1
_entity_poly.type   'polypeptide(L)'
_entity_poly.pdbx_seq_one_letter_code
;MVMTDQAITFDDVLLVPSYNHHESRRVVETTSTDRLGKLTLNLPVISANMDTITESNMANFMHSKGAMGALHRFMTIEEN
IQEFKKCKGPVFVSVGCTENELQRAEALRDAGADFFCVDVAHAHAKYVGKTLKSLRQLLGSRCIMAGNVATYAGADYLAS
CGADIIKAGIGGGSVCSTRIKTGFGVPMLTCIQDCSRADRSIVADGGIKTSGDIVKALAFGADFVMIGGMLAGSAPTPGE
VFQKDDGSKVKRYRGMASREAQEAFLGQMHEWKTAEGVATEVPFKENPDGIIADIIGGLRSGLTYAGADSISELQRKLNY
VIVTQAGRIESLPHKLLEGAENLYFQSHHHHHHWSHPQFEK
;
_entity_poly.pdbx_strand_id   A
#
# COMPACT_ATOMS: atom_id res chain seq x y z
N GLN A 6 9.94 12.23 20.03
CA GLN A 6 8.54 11.74 20.13
C GLN A 6 8.14 10.79 18.96
N ALA A 7 7.70 11.29 17.80
CA ALA A 7 7.18 10.37 16.75
C ALA A 7 8.29 9.70 15.95
N ILE A 8 8.08 8.43 15.58
CA ILE A 8 9.14 7.59 14.99
C ILE A 8 8.81 7.02 13.62
N THR A 9 9.82 6.97 12.75
CA THR A 9 9.70 6.25 11.50
C THR A 9 10.65 5.02 11.47
N PHE A 10 10.63 4.27 10.38
CA PHE A 10 11.42 3.05 10.27
C PHE A 10 12.89 3.21 10.71
N ASP A 11 13.58 4.24 10.19
CA ASP A 11 15.04 4.38 10.45
C ASP A 11 15.35 4.78 11.89
N ASP A 12 14.33 5.16 12.66
CA ASP A 12 14.50 5.51 14.09
C ASP A 12 14.62 4.31 15.03
N VAL A 13 14.29 3.12 14.55
CA VAL A 13 14.21 1.97 15.44
C VAL A 13 14.96 0.75 14.92
N LEU A 14 15.28 -0.14 15.85
CA LEU A 14 15.75 -1.48 15.51
C LEU A 14 14.97 -2.46 16.35
N LEU A 15 14.70 -3.65 15.81
CA LEU A 15 13.99 -4.66 16.55
C LEU A 15 15.01 -5.51 17.34
N VAL A 16 14.63 -5.93 18.53
CA VAL A 16 15.54 -6.64 19.42
C VAL A 16 15.38 -8.17 19.27
N PRO A 17 16.45 -8.92 18.95
CA PRO A 17 16.35 -10.39 18.77
C PRO A 17 15.84 -11.08 20.05
N SER A 18 15.10 -12.18 19.87
CA SER A 18 14.39 -12.84 20.94
C SER A 18 14.60 -14.36 20.86
N TYR A 19 14.42 -15.06 21.99
CA TYR A 19 14.58 -16.50 22.02
C TYR A 19 13.81 -17.20 20.91
N ASN A 20 14.53 -17.99 20.13
CA ASN A 20 13.98 -18.77 19.02
C ASN A 20 13.93 -20.28 19.38
N HIS A 21 12.73 -20.78 19.64
CA HIS A 21 12.54 -22.20 20.02
C HIS A 21 12.42 -23.13 18.81
N HIS A 22 12.41 -22.58 17.60
CA HIS A 22 12.10 -23.37 16.40
C HIS A 22 13.33 -24.06 15.82
N GLU A 23 13.12 -25.20 15.15
CA GLU A 23 14.21 -25.95 14.52
C GLU A 23 14.88 -25.17 13.38
N SER A 24 16.20 -25.32 13.26
CA SER A 24 17.04 -24.60 12.29
C SER A 24 16.49 -24.47 10.86
N ARG A 25 15.92 -25.53 10.33
CA ARG A 25 15.37 -25.50 8.96
C ARG A 25 13.83 -25.43 8.92
N ARG A 26 13.22 -24.96 10.01
CA ARG A 26 11.79 -24.64 10.12
C ARG A 26 11.20 -23.99 8.85
N VAL A 27 10.00 -24.44 8.45
CA VAL A 27 9.24 -23.77 7.40
C VAL A 27 8.52 -22.59 8.06
N VAL A 28 8.93 -21.36 7.70
CA VAL A 28 8.44 -20.16 8.40
C VAL A 28 7.20 -19.57 7.70
N GLU A 29 6.11 -19.41 8.46
CA GLU A 29 4.82 -18.93 7.91
C GLU A 29 4.68 -17.40 7.88
N THR A 30 4.60 -16.85 6.67
CA THR A 30 4.43 -15.38 6.51
C THR A 30 2.97 -14.94 6.30
N THR A 31 2.05 -15.91 6.29
CA THR A 31 0.64 -15.65 5.99
C THR A 31 0.00 -14.67 6.94
N SER A 32 -0.88 -13.85 6.41
CA SER A 32 -1.60 -12.89 7.24
C SER A 32 -3.08 -12.84 6.81
N THR A 33 -3.99 -12.82 7.80
CA THR A 33 -5.44 -12.74 7.57
C THR A 33 -6.00 -11.51 8.30
N ASP A 34 -6.86 -10.74 7.66
CA ASP A 34 -7.31 -9.51 8.28
C ASP A 34 -8.21 -9.83 9.50
N ARG A 35 -8.49 -8.81 10.31
CA ARG A 35 -9.23 -9.03 11.56
C ARG A 35 -10.62 -9.59 11.36
N LEU A 36 -11.22 -9.28 10.21
CA LEU A 36 -12.57 -9.76 9.93
C LEU A 36 -12.64 -11.04 9.12
N GLY A 37 -11.49 -11.59 8.74
CA GLY A 37 -11.43 -12.82 7.98
C GLY A 37 -11.84 -12.74 6.51
N LYS A 38 -11.77 -11.55 5.90
CA LYS A 38 -12.15 -11.39 4.50
C LYS A 38 -10.98 -11.48 3.53
N LEU A 39 -9.78 -11.28 4.04
CA LEU A 39 -8.57 -11.25 3.22
C LEU A 39 -7.45 -12.06 3.86
N THR A 40 -6.91 -13.01 3.11
CA THR A 40 -5.76 -13.77 3.56
C THR A 40 -4.74 -13.77 2.44
N LEU A 41 -3.49 -13.46 2.76
CA LEU A 41 -2.41 -13.51 1.78
C LEU A 41 -1.22 -14.25 2.38
N ASN A 42 -0.63 -15.16 1.60
CA ASN A 42 0.58 -15.86 2.03
C ASN A 42 1.75 -14.92 2.24
N LEU A 43 1.90 -13.97 1.32
CA LEU A 43 2.87 -12.91 1.42
C LEU A 43 2.07 -11.61 1.52
N PRO A 44 2.02 -11.00 2.74
CA PRO A 44 1.06 -9.92 3.02
C PRO A 44 1.53 -8.57 2.47
N VAL A 45 1.72 -8.53 1.14
CA VAL A 45 2.20 -7.34 0.47
C VAL A 45 1.23 -7.07 -0.67
N ILE A 46 0.90 -5.79 -0.88
CA ILE A 46 -0.02 -5.36 -1.95
C ILE A 46 0.71 -4.34 -2.82
N SER A 47 0.78 -4.55 -4.14
CA SER A 47 1.44 -3.55 -4.97
C SER A 47 0.55 -2.31 -4.97
N ALA A 48 1.16 -1.11 -4.93
CA ALA A 48 0.42 0.17 -4.80
C ALA A 48 -0.57 0.45 -5.93
N ASN A 49 -1.70 1.06 -5.58
CA ASN A 49 -2.74 1.47 -6.54
C ASN A 49 -2.38 2.82 -7.19
N MET A 50 -1.24 2.85 -7.84
CA MET A 50 -0.74 4.04 -8.49
C MET A 50 -0.63 3.70 -9.97
N ASP A 51 -0.85 4.69 -10.84
CA ASP A 51 -0.90 4.40 -12.27
C ASP A 51 0.47 4.00 -12.83
N THR A 52 1.54 4.26 -12.09
CA THR A 52 2.91 3.85 -12.51
C THR A 52 3.30 2.48 -11.98
N ILE A 53 2.42 1.87 -11.21
CA ILE A 53 2.76 0.60 -10.54
C ILE A 53 1.88 -0.58 -10.92
N THR A 54 0.56 -0.45 -10.76
CA THR A 54 -0.32 -1.64 -10.86
C THR A 54 -1.45 -1.53 -11.86
N GLU A 55 -1.31 -2.27 -12.96
CA GLU A 55 -2.44 -2.67 -13.80
C GLU A 55 -2.50 -4.22 -13.79
N SER A 56 -3.11 -4.88 -14.78
CA SER A 56 -3.29 -6.32 -14.67
C SER A 56 -1.97 -7.09 -14.63
N ASN A 57 -0.97 -6.68 -15.42
CA ASN A 57 0.31 -7.40 -15.41
C ASN A 57 0.92 -7.49 -14.01
N MET A 58 0.93 -6.36 -13.30
CA MET A 58 1.48 -6.34 -11.92
C MET A 58 0.62 -7.16 -10.96
N ALA A 59 -0.70 -6.99 -11.07
CA ALA A 59 -1.61 -7.73 -10.22
C ALA A 59 -1.42 -9.25 -10.41
N ASN A 60 -1.22 -9.66 -11.66
CA ASN A 60 -1.05 -11.08 -11.91
C ASN A 60 0.31 -11.54 -11.40
N PHE A 61 1.34 -10.71 -11.54
CA PHE A 61 2.66 -11.04 -11.02
C PHE A 61 2.59 -11.24 -9.47
N MET A 62 2.01 -10.28 -8.76
CA MET A 62 1.86 -10.37 -7.30
C MET A 62 1.06 -11.60 -6.87
N HIS A 63 -0.04 -11.85 -7.56
CA HIS A 63 -0.82 -13.04 -7.28
C HIS A 63 0.03 -14.32 -7.41
N SER A 64 0.88 -14.38 -8.43
CA SER A 64 1.72 -15.58 -8.65
C SER A 64 2.72 -15.81 -7.50
N LYS A 65 3.00 -14.75 -6.74
CA LYS A 65 3.93 -14.85 -5.62
C LYS A 65 3.25 -15.03 -4.26
N GLY A 66 1.95 -15.30 -4.26
CA GLY A 66 1.16 -15.40 -3.02
C GLY A 66 0.79 -14.05 -2.41
N ALA A 67 0.96 -12.98 -3.21
CA ALA A 67 0.64 -11.61 -2.81
C ALA A 67 -0.59 -11.08 -3.59
N MET A 68 -0.66 -9.78 -3.79
CA MET A 68 -1.86 -9.20 -4.40
C MET A 68 -1.54 -7.85 -5.02
N GLY A 69 -2.31 -7.46 -6.03
CA GLY A 69 -2.26 -6.11 -6.53
C GLY A 69 -3.50 -5.30 -6.15
N ALA A 70 -3.36 -3.98 -6.21
CA ALA A 70 -4.50 -3.07 -6.14
C ALA A 70 -4.43 -2.20 -7.40
N LEU A 71 -5.38 -2.42 -8.30
CA LEU A 71 -5.45 -1.61 -9.53
C LEU A 71 -5.75 -0.17 -9.16
N HIS A 72 -5.09 0.77 -9.85
CA HIS A 72 -5.39 2.17 -9.69
C HIS A 72 -6.74 2.52 -10.31
N ARG A 73 -7.25 3.71 -9.99
CA ARG A 73 -8.57 4.17 -10.39
C ARG A 73 -8.53 5.22 -11.49
N PHE A 74 -7.36 5.46 -12.05
CA PHE A 74 -7.24 6.53 -13.05
C PHE A 74 -7.42 5.97 -14.46
N MET A 75 -8.54 5.28 -14.64
CA MET A 75 -8.90 4.69 -15.93
C MET A 75 -10.36 5.08 -16.12
N THR A 76 -10.85 5.12 -17.36
CA THR A 76 -12.29 5.21 -17.55
C THR A 76 -12.93 3.95 -17.02
N ILE A 77 -14.25 3.99 -16.79
CA ILE A 77 -14.94 2.85 -16.23
C ILE A 77 -14.80 1.59 -17.12
N GLU A 78 -14.96 1.74 -18.44
CA GLU A 78 -14.84 0.55 -19.30
C GLU A 78 -13.43 -0.02 -19.34
N GLU A 79 -12.41 0.83 -19.38
CA GLU A 79 -11.00 0.37 -19.29
C GLU A 79 -10.79 -0.40 -17.97
N ASN A 80 -11.36 0.15 -16.90
CA ASN A 80 -11.20 -0.44 -15.56
C ASN A 80 -11.83 -1.83 -15.51
N ILE A 81 -13.03 -1.98 -16.11
CA ILE A 81 -13.72 -3.27 -16.15
C ILE A 81 -12.83 -4.30 -16.88
N GLN A 82 -12.29 -3.90 -18.02
CA GLN A 82 -11.54 -4.84 -18.87
C GLN A 82 -10.21 -5.20 -18.24
N GLU A 83 -9.60 -4.22 -17.55
CA GLU A 83 -8.34 -4.47 -16.88
C GLU A 83 -8.56 -5.43 -15.70
N PHE A 84 -9.67 -5.24 -14.97
CA PHE A 84 -10.08 -6.18 -13.90
C PHE A 84 -10.27 -7.62 -14.40
N LYS A 85 -10.94 -7.74 -15.55
CA LYS A 85 -11.20 -9.04 -16.14
C LYS A 85 -9.92 -9.76 -16.55
N LYS A 86 -8.85 -9.03 -16.85
CA LYS A 86 -7.54 -9.64 -17.14
C LYS A 86 -6.75 -10.10 -15.89
N CYS A 87 -7.25 -9.75 -14.70
CA CYS A 87 -6.60 -10.19 -13.47
C CYS A 87 -6.97 -11.62 -13.14
N LYS A 88 -5.95 -12.42 -12.86
CA LYS A 88 -6.14 -13.81 -12.44
C LYS A 88 -6.02 -13.78 -10.94
N GLY A 89 -7.07 -14.20 -10.25
CA GLY A 89 -7.07 -14.22 -8.81
C GLY A 89 -7.45 -12.88 -8.16
N PRO A 90 -7.60 -12.89 -6.83
CA PRO A 90 -8.04 -11.76 -6.05
C PRO A 90 -7.17 -10.53 -6.35
N VAL A 91 -7.84 -9.40 -6.60
CA VAL A 91 -7.18 -8.12 -6.84
C VAL A 91 -8.08 -7.06 -6.22
N PHE A 92 -7.50 -5.99 -5.67
CA PHE A 92 -8.29 -4.83 -5.29
C PHE A 92 -8.55 -3.97 -6.51
N VAL A 93 -9.77 -3.46 -6.59
CA VAL A 93 -10.05 -2.38 -7.53
C VAL A 93 -10.16 -1.11 -6.69
N SER A 94 -9.74 0.01 -7.25
CA SER A 94 -9.82 1.29 -6.53
C SER A 94 -10.92 2.19 -7.06
N VAL A 95 -11.55 2.89 -6.13
CA VAL A 95 -12.59 3.87 -6.47
C VAL A 95 -12.40 5.15 -5.64
N GLY A 96 -12.94 6.27 -6.14
CA GLY A 96 -12.94 7.56 -5.45
C GLY A 96 -14.29 7.82 -4.80
N CYS A 97 -14.68 9.10 -4.71
CA CYS A 97 -15.79 9.52 -3.83
C CYS A 97 -16.91 10.35 -4.47
N THR A 98 -16.87 10.49 -5.79
CA THR A 98 -17.92 11.22 -6.48
C THR A 98 -19.02 10.26 -6.90
N GLU A 99 -20.11 10.81 -7.42
CA GLU A 99 -21.19 9.98 -7.95
C GLU A 99 -20.65 9.12 -9.11
N ASN A 100 -19.78 9.67 -9.97
CA ASN A 100 -19.23 8.86 -11.07
C ASN A 100 -18.41 7.68 -10.53
N GLU A 101 -17.73 7.89 -9.40
CA GLU A 101 -17.00 6.83 -8.72
C GLU A 101 -17.90 5.75 -8.09
N LEU A 102 -19.10 6.13 -7.63
CA LEU A 102 -20.08 5.13 -7.20
C LEU A 102 -20.59 4.30 -8.39
N GLN A 103 -20.78 4.95 -9.54
CA GLN A 103 -21.06 4.19 -10.78
C GLN A 103 -19.92 3.23 -11.14
N ARG A 104 -18.69 3.69 -10.98
CA ARG A 104 -17.49 2.83 -11.21
C ARG A 104 -17.58 1.59 -10.31
N ALA A 105 -17.84 1.83 -9.01
CA ALA A 105 -17.97 0.71 -8.04
C ALA A 105 -19.06 -0.28 -8.45
N GLU A 106 -20.24 0.25 -8.78
CA GLU A 106 -21.34 -0.60 -9.23
C GLU A 106 -20.97 -1.44 -10.47
N ALA A 107 -20.32 -0.82 -11.45
CA ALA A 107 -19.93 -1.57 -12.66
C ALA A 107 -18.91 -2.64 -12.35
N LEU A 108 -17.92 -2.35 -11.50
CA LEU A 108 -16.92 -3.36 -11.11
C LEU A 108 -17.53 -4.49 -10.34
N ARG A 109 -18.45 -4.16 -9.44
CA ARG A 109 -19.23 -5.17 -8.70
C ARG A 109 -19.96 -6.13 -9.68
N ASP A 110 -20.73 -5.55 -10.60
CA ASP A 110 -21.43 -6.32 -11.64
C ASP A 110 -20.49 -7.12 -12.52
N ALA A 111 -19.23 -6.68 -12.65
CA ALA A 111 -18.25 -7.42 -13.42
C ALA A 111 -17.55 -8.53 -12.62
N GLY A 112 -17.83 -8.66 -11.32
CA GLY A 112 -17.27 -9.76 -10.52
C GLY A 112 -16.30 -9.37 -9.41
N ALA A 113 -16.02 -8.08 -9.27
CA ALA A 113 -15.05 -7.59 -8.26
C ALA A 113 -15.58 -7.78 -6.86
N ASP A 114 -14.71 -8.26 -5.99
CA ASP A 114 -15.07 -8.50 -4.58
C ASP A 114 -14.21 -7.71 -3.57
N PHE A 115 -13.13 -7.07 -4.04
CA PHE A 115 -12.23 -6.34 -3.15
C PHE A 115 -12.09 -4.90 -3.66
N PHE A 116 -12.48 -3.94 -2.83
CA PHE A 116 -12.55 -2.55 -3.22
C PHE A 116 -11.71 -1.70 -2.29
N CYS A 117 -11.07 -0.69 -2.85
CA CYS A 117 -10.26 0.24 -2.10
C CYS A 117 -10.73 1.65 -2.39
N VAL A 118 -11.26 2.33 -1.38
CA VAL A 118 -11.53 3.76 -1.46
C VAL A 118 -10.27 4.48 -1.07
N ASP A 119 -9.77 5.29 -1.99
CA ASP A 119 -8.45 5.82 -1.80
C ASP A 119 -8.48 7.32 -1.98
N VAL A 120 -8.27 8.06 -0.89
CA VAL A 120 -8.28 9.54 -0.95
C VAL A 120 -7.18 10.12 -0.12
N ALA A 121 -6.91 11.42 -0.32
CA ALA A 121 -5.78 12.09 0.36
C ALA A 121 -5.99 12.20 1.87
N HIS A 122 -7.20 12.53 2.26
CA HIS A 122 -7.50 12.76 3.66
C HIS A 122 -8.86 12.11 3.93
N ALA A 123 -8.83 10.83 4.29
CA ALA A 123 -10.02 10.04 4.45
C ALA A 123 -10.82 10.35 5.74
N HIS A 124 -10.20 11.03 6.70
CA HIS A 124 -10.89 11.31 7.97
C HIS A 124 -11.77 12.55 7.74
N ALA A 125 -12.88 12.32 7.02
CA ALA A 125 -13.65 13.43 6.46
C ALA A 125 -15.10 12.98 6.20
N LYS A 126 -16.05 13.88 6.41
CA LYS A 126 -17.49 13.60 6.25
C LYS A 126 -17.82 12.99 4.88
N TYR A 127 -17.33 13.56 3.79
CA TYR A 127 -17.71 13.09 2.44
C TYR A 127 -17.17 11.70 2.12
N VAL A 128 -16.09 11.32 2.81
CA VAL A 128 -15.54 9.98 2.66
C VAL A 128 -16.39 8.99 3.46
N GLY A 129 -16.77 9.35 4.68
CA GLY A 129 -17.70 8.52 5.47
C GLY A 129 -19.02 8.30 4.73
N LYS A 130 -19.47 9.34 4.04
CA LYS A 130 -20.69 9.28 3.23
C LYS A 130 -20.50 8.26 2.10
N THR A 131 -19.37 8.37 1.41
CA THR A 131 -18.99 7.42 0.36
C THR A 131 -18.96 5.98 0.85
N LEU A 132 -18.31 5.74 1.98
CA LEU A 132 -18.25 4.40 2.55
C LEU A 132 -19.62 3.82 2.90
N LYS A 133 -20.49 4.67 3.46
CA LYS A 133 -21.88 4.24 3.76
C LYS A 133 -22.58 3.73 2.47
N SER A 134 -22.49 4.54 1.41
CA SER A 134 -23.03 4.14 0.10
C SER A 134 -22.41 2.86 -0.45
N LEU A 135 -21.08 2.75 -0.35
CA LEU A 135 -20.39 1.58 -0.88
C LEU A 135 -20.75 0.34 -0.10
N ARG A 136 -20.83 0.46 1.23
CA ARG A 136 -21.26 -0.66 2.03
C ARG A 136 -22.66 -1.16 1.60
N GLN A 137 -23.60 -0.26 1.33
CA GLN A 137 -24.94 -0.73 0.90
C GLN A 137 -24.89 -1.30 -0.52
N LEU A 138 -24.08 -0.68 -1.39
CA LEU A 138 -23.94 -1.17 -2.77
C LEU A 138 -23.26 -2.54 -2.84
N LEU A 139 -22.26 -2.76 -2.00
CA LEU A 139 -21.38 -3.90 -2.14
C LEU A 139 -21.69 -5.06 -1.21
N GLY A 140 -22.66 -4.91 -0.30
CA GLY A 140 -23.03 -6.03 0.56
C GLY A 140 -21.92 -6.39 1.53
N SER A 141 -21.54 -7.67 1.54
CA SER A 141 -20.55 -8.14 2.48
C SER A 141 -19.14 -8.20 1.87
N ARG A 142 -18.95 -7.55 0.74
CA ARG A 142 -17.63 -7.52 0.14
C ARG A 142 -16.60 -6.76 0.99
N CYS A 143 -15.32 -7.01 0.71
CA CYS A 143 -14.22 -6.42 1.45
C CYS A 143 -13.94 -4.99 0.97
N ILE A 144 -13.97 -4.02 1.87
CA ILE A 144 -13.72 -2.62 1.51
C ILE A 144 -12.53 -2.13 2.32
N MET A 145 -11.46 -1.74 1.63
CA MET A 145 -10.31 -1.08 2.26
C MET A 145 -10.51 0.40 2.04
N ALA A 146 -10.20 1.19 3.04
CA ALA A 146 -10.32 2.63 2.93
C ALA A 146 -9.15 3.40 3.51
N GLY A 147 -8.73 4.42 2.81
CA GLY A 147 -7.55 5.19 3.13
C GLY A 147 -7.50 6.56 2.52
N ASN A 148 -6.62 7.43 2.98
CA ASN A 148 -5.63 7.21 3.99
C ASN A 148 -5.83 8.05 5.26
N VAL A 149 -5.45 7.47 6.37
CA VAL A 149 -5.50 8.14 7.65
C VAL A 149 -4.17 8.03 8.35
N ALA A 150 -3.98 8.85 9.35
CA ALA A 150 -2.72 8.84 10.07
C ALA A 150 -2.91 8.76 11.57
N THR A 151 -4.14 8.60 12.04
CA THR A 151 -4.40 8.57 13.51
C THR A 151 -5.41 7.46 13.87
N TYR A 152 -5.40 7.10 15.13
CA TYR A 152 -6.42 6.20 15.69
C TYR A 152 -7.81 6.75 15.44
N ALA A 153 -8.02 8.05 15.68
CA ALA A 153 -9.34 8.65 15.44
C ALA A 153 -9.80 8.47 13.98
N GLY A 154 -8.87 8.61 13.04
CA GLY A 154 -9.21 8.44 11.61
C GLY A 154 -9.56 6.99 11.30
N ALA A 155 -8.75 6.07 11.79
CA ALA A 155 -8.95 4.65 11.55
C ALA A 155 -10.29 4.21 12.15
N ASP A 156 -10.54 4.63 13.39
CA ASP A 156 -11.82 4.30 14.06
C ASP A 156 -12.98 4.91 13.32
N TYR A 157 -12.81 6.15 12.84
CA TYR A 157 -13.82 6.77 12.01
C TYR A 157 -14.20 5.89 10.77
N LEU A 158 -13.18 5.46 10.03
CA LEU A 158 -13.43 4.69 8.82
C LEU A 158 -14.09 3.33 9.18
N ALA A 159 -13.64 2.72 10.26
CA ALA A 159 -14.22 1.46 10.73
C ALA A 159 -15.72 1.68 11.03
N SER A 160 -16.03 2.79 11.68
CA SER A 160 -17.43 3.13 12.04
C SER A 160 -18.30 3.35 10.81
N CYS A 161 -17.70 3.88 9.74
CA CYS A 161 -18.44 4.12 8.52
C CYS A 161 -18.55 2.89 7.61
N GLY A 162 -17.98 1.77 8.06
CA GLY A 162 -18.10 0.51 7.37
C GLY A 162 -16.87 -0.04 6.67
N ALA A 163 -15.70 0.61 6.80
CA ALA A 163 -14.50 0.00 6.21
C ALA A 163 -14.11 -1.29 6.94
N ASP A 164 -13.70 -2.29 6.17
CA ASP A 164 -13.16 -3.54 6.72
C ASP A 164 -11.69 -3.41 7.06
N ILE A 165 -10.95 -2.71 6.21
CA ILE A 165 -9.48 -2.63 6.35
C ILE A 165 -9.12 -1.17 6.13
N ILE A 166 -8.17 -0.66 6.89
CA ILE A 166 -7.85 0.75 6.88
C ILE A 166 -6.42 0.89 6.38
N LYS A 167 -6.21 1.81 5.47
CA LYS A 167 -4.86 2.07 4.93
C LYS A 167 -4.29 3.34 5.58
N ALA A 168 -3.11 3.22 6.21
CA ALA A 168 -2.51 4.29 7.02
C ALA A 168 -1.27 4.83 6.32
N GLY A 169 -1.12 6.15 6.35
CA GLY A 169 0.09 6.83 5.88
C GLY A 169 -0.35 8.09 5.18
N ILE A 170 -0.01 9.25 5.71
CA ILE A 170 -0.53 10.47 5.07
C ILE A 170 0.45 11.02 4.05
N GLY A 171 1.69 11.15 4.51
CA GLY A 171 2.70 11.84 3.78
C GLY A 171 3.39 12.57 4.88
N GLY A 172 4.20 11.81 5.63
CA GLY A 172 4.96 12.32 6.76
C GLY A 172 6.21 11.46 6.82
N GLY A 173 6.01 10.19 6.44
CA GLY A 173 7.08 9.29 5.99
C GLY A 173 6.69 8.66 4.66
N SER A 174 6.53 9.48 3.61
CA SER A 174 6.44 9.03 2.18
C SER A 174 6.23 10.16 1.13
N VAL A 175 5.00 10.69 0.98
CA VAL A 175 4.80 11.78 -0.02
C VAL A 175 5.44 13.06 0.49
N CYS A 176 6.58 13.35 -0.14
CA CYS A 176 7.43 14.47 0.18
C CYS A 176 6.64 15.75 -0.06
N SER A 177 5.89 15.79 -1.16
CA SER A 177 5.08 16.92 -1.56
C SER A 177 4.06 17.36 -0.48
N THR A 178 3.34 16.41 0.11
CA THR A 178 2.37 16.74 1.16
C THR A 178 3.04 17.46 2.34
N ARG A 179 4.14 16.91 2.83
CA ARG A 179 4.87 17.53 3.98
C ARG A 179 5.41 18.90 3.61
N ILE A 180 6.01 18.97 2.43
CA ILE A 180 6.60 20.21 1.96
C ILE A 180 5.57 21.31 1.77
N LYS A 181 4.45 20.95 1.16
CA LYS A 181 3.47 21.95 0.76
C LYS A 181 2.49 22.32 1.87
N THR A 182 2.17 21.39 2.78
CA THR A 182 1.13 21.67 3.81
C THR A 182 1.62 21.55 5.25
N GLY A 183 2.72 20.83 5.44
CA GLY A 183 3.28 20.66 6.80
C GLY A 183 2.69 19.49 7.57
N PHE A 184 1.78 18.76 6.93
CA PHE A 184 1.05 17.66 7.57
C PHE A 184 1.70 16.29 7.33
N GLY A 185 1.64 15.43 8.36
CA GLY A 185 2.09 14.06 8.22
C GLY A 185 2.35 13.45 9.59
N VAL A 186 2.52 12.13 9.60
CA VAL A 186 2.84 11.39 10.85
C VAL A 186 3.90 10.35 10.48
N PRO A 187 5.07 10.36 11.15
CA PRO A 187 6.11 9.36 10.87
C PRO A 187 5.50 7.96 10.96
N MET A 188 5.91 7.05 10.07
CA MET A 188 5.12 5.84 9.78
C MET A 188 4.95 4.87 10.93
N LEU A 189 5.98 4.66 11.77
CA LEU A 189 5.80 3.71 12.89
C LEU A 189 4.83 4.22 13.93
N THR A 190 4.90 5.52 14.25
CA THR A 190 3.93 6.11 15.16
C THR A 190 2.53 5.99 14.59
N CYS A 191 2.43 6.29 13.31
CA CYS A 191 1.15 6.19 12.61
C CYS A 191 0.58 4.75 12.66
N ILE A 192 1.40 3.76 12.24
CA ILE A 192 1.00 2.34 12.26
C ILE A 192 0.57 1.92 13.68
N GLN A 193 1.40 2.20 14.65
CA GLN A 193 1.09 1.83 16.04
C GLN A 193 -0.21 2.46 16.53
N ASP A 194 -0.39 3.75 16.27
CA ASP A 194 -1.60 4.45 16.66
C ASP A 194 -2.86 3.91 15.94
N CYS A 195 -2.79 3.76 14.62
CA CYS A 195 -3.94 3.30 13.84
C CYS A 195 -4.34 1.88 14.22
N SER A 196 -3.33 1.05 14.53
CA SER A 196 -3.58 -0.35 14.83
C SER A 196 -4.25 -0.59 16.20
N ARG A 197 -4.50 0.48 16.95
CA ARG A 197 -5.35 0.42 18.12
C ARG A 197 -6.82 0.23 17.75
N ALA A 198 -7.19 0.54 16.51
CA ALA A 198 -8.54 0.35 16.03
C ALA A 198 -8.82 -1.16 15.84
N ASP A 199 -10.09 -1.57 15.80
CA ASP A 199 -10.39 -3.01 15.71
C ASP A 199 -10.54 -3.54 14.28
N ARG A 200 -9.75 -3.00 13.34
CA ARG A 200 -9.69 -3.52 11.97
C ARG A 200 -8.21 -3.58 11.55
N SER A 201 -7.88 -4.47 10.63
CA SER A 201 -6.50 -4.55 10.13
C SER A 201 -6.08 -3.23 9.49
N ILE A 202 -4.81 -2.91 9.66
CA ILE A 202 -4.15 -1.72 9.07
C ILE A 202 -3.25 -2.18 7.96
N VAL A 203 -3.31 -1.48 6.82
CA VAL A 203 -2.34 -1.64 5.76
C VAL A 203 -1.38 -0.45 5.80
N ALA A 204 -0.09 -0.71 5.99
CA ALA A 204 0.90 0.35 6.02
C ALA A 204 1.19 0.79 4.59
N ASP A 205 1.04 2.10 4.36
CA ASP A 205 1.20 2.64 3.00
C ASP A 205 2.08 3.89 3.05
N GLY A 206 3.38 3.69 2.93
CA GLY A 206 4.29 4.84 2.83
C GLY A 206 5.63 4.57 3.47
N GLY A 207 6.68 5.12 2.84
CA GLY A 207 8.00 5.15 3.46
C GLY A 207 8.73 3.83 3.46
N ILE A 208 8.19 2.82 2.80
CA ILE A 208 8.80 1.51 2.81
C ILE A 208 9.89 1.34 1.73
N LYS A 209 11.15 1.23 2.16
CA LYS A 209 12.29 1.19 1.24
C LYS A 209 12.98 -0.15 1.15
N THR A 210 12.88 -0.97 2.21
CA THR A 210 13.67 -2.19 2.34
C THR A 210 12.81 -3.28 2.95
N SER A 211 13.24 -4.53 2.83
CA SER A 211 12.52 -5.63 3.44
C SER A 211 12.51 -5.45 4.95
N GLY A 212 13.57 -4.86 5.51
CA GLY A 212 13.60 -4.54 6.94
C GLY A 212 12.49 -3.60 7.38
N ASP A 213 12.13 -2.63 6.53
CA ASP A 213 11.02 -1.73 6.82
C ASP A 213 9.69 -2.47 6.82
N ILE A 214 9.59 -3.46 5.96
CA ILE A 214 8.43 -4.31 5.91
C ILE A 214 8.30 -5.09 7.22
N VAL A 215 9.39 -5.69 7.67
CA VAL A 215 9.34 -6.40 8.97
C VAL A 215 8.86 -5.43 10.10
N LYS A 216 9.43 -4.25 10.14
CA LYS A 216 9.08 -3.27 11.18
C LYS A 216 7.62 -2.85 11.07
N ALA A 217 7.15 -2.59 9.86
CA ALA A 217 5.73 -2.21 9.69
C ALA A 217 4.76 -3.27 10.25
N LEU A 218 5.00 -4.54 9.93
CA LEU A 218 4.18 -5.63 10.44
C LEU A 218 4.33 -5.78 11.95
N ALA A 219 5.59 -5.72 12.44
CA ALA A 219 5.82 -5.86 13.89
C ALA A 219 5.10 -4.78 14.69
N PHE A 220 5.05 -3.57 14.16
CA PHE A 220 4.43 -2.45 14.86
C PHE A 220 2.91 -2.46 14.77
N GLY A 221 2.33 -3.41 14.02
CA GLY A 221 0.89 -3.64 14.11
C GLY A 221 0.12 -3.70 12.80
N ALA A 222 0.79 -3.38 11.69
CA ALA A 222 0.13 -3.57 10.36
C ALA A 222 -0.01 -5.05 10.06
N ASP A 223 -1.13 -5.42 9.43
CA ASP A 223 -1.34 -6.80 8.97
C ASP A 223 -0.93 -7.04 7.52
N PHE A 224 -0.75 -5.96 6.75
CA PHE A 224 -0.30 -6.01 5.36
C PHE A 224 0.47 -4.74 5.09
N VAL A 225 1.28 -4.76 4.05
CA VAL A 225 2.00 -3.55 3.67
C VAL A 225 1.72 -3.30 2.17
N MET A 226 1.64 -2.04 1.77
CA MET A 226 1.53 -1.65 0.35
C MET A 226 2.91 -1.10 -0.05
N ILE A 227 3.42 -1.53 -1.20
CA ILE A 227 4.72 -1.05 -1.68
C ILE A 227 4.61 -0.59 -3.13
N GLY A 228 5.28 0.51 -3.42
CA GLY A 228 5.25 1.17 -4.73
C GLY A 228 6.68 1.34 -5.20
N GLY A 229 7.44 2.17 -4.48
CA GLY A 229 8.85 2.45 -4.78
C GLY A 229 9.73 1.25 -5.04
N MET A 230 9.62 0.20 -4.21
CA MET A 230 10.47 -0.98 -4.40
C MET A 230 10.19 -1.68 -5.74
N LEU A 231 8.98 -1.48 -6.28
CA LEU A 231 8.58 -2.10 -7.56
C LEU A 231 8.68 -1.19 -8.78
N ALA A 232 8.90 0.10 -8.53
CA ALA A 232 8.82 1.12 -9.60
C ALA A 232 9.83 0.80 -10.69
N GLY A 233 9.40 0.84 -11.95
CA GLY A 233 10.31 0.61 -13.05
C GLY A 233 10.54 -0.83 -13.43
N SER A 234 9.96 -1.78 -12.68
CA SER A 234 10.14 -3.19 -13.00
C SER A 234 9.24 -3.57 -14.17
N ALA A 235 9.48 -4.78 -14.70
CA ALA A 235 8.83 -5.26 -15.92
C ALA A 235 7.30 -5.27 -15.83
N PRO A 236 6.74 -5.78 -14.70
CA PRO A 236 5.27 -5.83 -14.68
C PRO A 236 4.55 -4.49 -14.47
N THR A 237 5.30 -3.41 -14.24
CA THR A 237 4.67 -2.09 -14.12
C THR A 237 4.10 -1.64 -15.48
N PRO A 238 3.11 -0.72 -15.47
CA PRO A 238 2.71 -0.15 -16.77
C PRO A 238 3.87 0.58 -17.46
N GLY A 239 3.82 0.66 -18.79
CA GLY A 239 4.80 1.43 -19.55
C GLY A 239 5.80 0.56 -20.28
N GLU A 240 6.22 1.02 -21.46
CA GLU A 240 7.21 0.31 -22.27
C GLU A 240 8.61 0.62 -21.76
N VAL A 241 9.52 -0.31 -21.96
CA VAL A 241 10.92 -0.08 -21.63
C VAL A 241 11.57 0.65 -22.81
N PHE A 242 12.37 1.68 -22.49
CA PHE A 242 13.16 2.40 -23.49
C PHE A 242 14.67 2.24 -23.24
N GLN A 243 15.38 1.80 -24.28
CA GLN A 243 16.83 1.71 -24.22
C GLN A 243 17.43 2.90 -24.93
N LYS A 244 18.01 3.81 -24.17
CA LYS A 244 18.58 5.03 -24.76
C LYS A 244 20.04 4.88 -25.16
N ASP A 245 20.57 5.87 -25.89
CA ASP A 245 22.01 5.92 -26.18
C ASP A 245 22.70 6.17 -24.84
N ASP A 246 23.62 5.27 -24.50
CA ASP A 246 24.21 5.13 -23.17
C ASP A 246 24.17 3.64 -22.80
N GLY A 247 23.10 2.96 -23.23
CA GLY A 247 22.93 1.52 -22.96
C GLY A 247 21.94 1.19 -21.86
N SER A 248 21.76 2.14 -20.92
CA SER A 248 20.81 1.99 -19.81
C SER A 248 19.35 1.87 -20.29
N LYS A 249 18.52 1.27 -19.45
CA LYS A 249 17.12 1.04 -19.76
C LYS A 249 16.24 1.79 -18.78
N VAL A 250 15.18 2.42 -19.28
CA VAL A 250 14.30 3.27 -18.44
C VAL A 250 12.84 3.03 -18.80
N LYS A 251 11.95 3.35 -17.86
CA LYS A 251 10.55 3.47 -18.19
C LYS A 251 10.28 4.97 -18.23
N ARG A 252 9.42 5.41 -19.12
CA ARG A 252 9.22 6.84 -19.26
C ARG A 252 7.73 7.17 -19.16
N TYR A 253 7.37 8.11 -18.30
CA TYR A 253 5.98 8.49 -18.09
C TYR A 253 5.74 9.96 -18.44
N ARG A 254 4.62 10.23 -19.08
CA ARG A 254 4.21 11.58 -19.36
C ARG A 254 3.12 11.93 -18.34
N GLY A 255 1.88 11.56 -18.63
CA GLY A 255 0.80 11.68 -17.64
C GLY A 255 1.14 10.88 -16.38
N MET A 256 0.92 11.48 -15.22
CA MET A 256 1.22 10.80 -13.96
C MET A 256 0.01 10.98 -13.08
N ALA A 257 -1.02 10.16 -13.29
CA ALA A 257 -2.36 10.45 -12.75
C ALA A 257 -2.46 10.43 -11.21
N SER A 258 -1.85 9.44 -10.58
CA SER A 258 -1.76 9.40 -9.10
C SER A 258 -1.05 10.64 -8.53
N ARG A 259 0.13 10.94 -9.05
CA ARG A 259 0.85 12.15 -8.64
C ARG A 259 0.05 13.44 -8.92
N GLU A 260 -0.61 13.53 -10.08
CA GLU A 260 -1.44 14.71 -10.39
C GLU A 260 -2.66 14.87 -9.47
N ALA A 261 -3.31 13.75 -9.14
CA ALA A 261 -4.42 13.78 -8.18
C ALA A 261 -3.95 14.35 -6.82
N GLN A 262 -2.78 13.90 -6.34
CA GLN A 262 -2.25 14.41 -5.06
C GLN A 262 -1.83 15.87 -5.18
N GLU A 263 -1.20 16.24 -6.29
CA GLU A 263 -0.85 17.64 -6.51
C GLU A 263 -2.10 18.54 -6.56
N ALA A 264 -3.17 18.06 -7.20
CA ALA A 264 -4.48 18.80 -7.19
C ALA A 264 -5.02 19.00 -5.77
N PHE A 265 -5.02 17.92 -4.98
CA PHE A 265 -5.45 17.99 -3.58
C PHE A 265 -4.62 19.01 -2.79
N LEU A 266 -3.32 19.06 -3.07
CA LEU A 266 -2.40 19.99 -2.41
C LEU A 266 -2.51 21.44 -2.93
N GLY A 267 -3.45 21.69 -3.84
CA GLY A 267 -3.71 23.04 -4.36
C GLY A 267 -2.68 23.50 -5.41
N GLN A 268 -1.91 22.57 -5.93
CA GLN A 268 -0.79 22.94 -6.80
C GLN A 268 -1.09 22.88 -8.32
N MET A 269 -2.32 22.54 -8.69
CA MET A 269 -2.65 22.38 -10.10
C MET A 269 -3.60 23.48 -10.53
N HIS A 270 -3.13 24.71 -10.40
CA HIS A 270 -3.94 25.92 -10.62
C HIS A 270 -3.63 26.54 -11.99
N GLU A 271 -4.30 27.65 -12.30
CA GLU A 271 -4.18 28.36 -13.58
C GLU A 271 -2.77 28.92 -13.88
N TRP A 272 -1.92 29.03 -12.86
CA TRP A 272 -0.59 29.63 -13.04
C TRP A 272 0.52 28.58 -13.09
N LYS A 273 0.13 27.30 -13.18
CA LYS A 273 1.11 26.22 -13.34
C LYS A 273 1.37 26.09 -14.83
N THR A 274 2.22 26.98 -15.33
CA THR A 274 2.39 27.21 -16.77
C THR A 274 3.68 26.60 -17.39
N ALA A 275 4.56 26.04 -16.56
CA ALA A 275 5.81 25.42 -17.05
C ALA A 275 5.49 24.27 -18.02
N GLU A 276 6.28 24.15 -19.09
CA GLU A 276 6.01 23.10 -20.08
C GLU A 276 6.18 21.71 -19.48
N GLY A 277 5.28 20.79 -19.83
CA GLY A 277 5.32 19.41 -19.36
C GLY A 277 6.55 18.68 -19.83
N VAL A 278 7.16 17.94 -18.91
CA VAL A 278 8.39 17.15 -19.11
C VAL A 278 8.08 15.70 -18.75
N ALA A 279 8.68 14.75 -19.47
CA ALA A 279 8.57 13.31 -19.16
C ALA A 279 9.30 12.93 -17.86
N THR A 280 8.79 11.94 -17.14
CA THR A 280 9.46 11.39 -15.95
C THR A 280 10.07 10.04 -16.30
N GLU A 281 11.37 9.92 -16.05
CA GLU A 281 12.12 8.70 -16.33
C GLU A 281 12.47 7.97 -15.04
N VAL A 282 12.28 6.66 -15.08
CA VAL A 282 12.53 5.79 -13.94
C VAL A 282 13.46 4.69 -14.46
N PRO A 283 14.57 4.42 -13.75
CA PRO A 283 15.51 3.35 -14.13
C PRO A 283 14.82 1.99 -14.22
N PHE A 284 15.08 1.22 -15.27
CA PHE A 284 14.45 -0.10 -15.39
C PHE A 284 14.97 -0.96 -14.23
N LYS A 285 14.05 -1.62 -13.53
CA LYS A 285 14.41 -2.59 -12.48
C LYS A 285 14.40 -3.98 -13.06
N GLU A 286 15.59 -4.58 -13.02
CA GLU A 286 15.77 -5.95 -13.45
C GLU A 286 15.22 -6.84 -12.36
N ASN A 287 14.74 -8.00 -12.76
CA ASN A 287 14.52 -9.11 -11.85
C ASN A 287 13.51 -8.80 -10.72
N PRO A 288 12.22 -8.62 -11.09
CA PRO A 288 11.16 -8.43 -10.09
C PRO A 288 11.03 -9.67 -9.21
N ASP A 289 11.31 -10.83 -9.78
CA ASP A 289 11.23 -12.07 -9.05
C ASP A 289 12.20 -12.07 -7.88
N GLY A 290 13.38 -11.49 -8.13
CA GLY A 290 14.43 -11.26 -7.13
C GLY A 290 14.03 -10.25 -6.06
N ILE A 291 13.36 -9.18 -6.46
CA ILE A 291 12.90 -8.18 -5.47
C ILE A 291 11.93 -8.88 -4.47
N ILE A 292 10.97 -9.63 -4.99
CA ILE A 292 10.00 -10.35 -4.12
C ILE A 292 10.69 -11.45 -3.27
N ALA A 293 11.60 -12.21 -3.88
CA ALA A 293 12.30 -13.25 -3.14
C ALA A 293 13.12 -12.64 -1.98
N ASP A 294 13.70 -11.46 -2.20
CA ASP A 294 14.45 -10.73 -1.18
C ASP A 294 13.55 -10.32 0.00
N ILE A 295 12.35 -9.86 -0.32
CA ILE A 295 11.34 -9.47 0.67
C ILE A 295 10.88 -10.69 1.48
N ILE A 296 10.57 -11.79 0.79
CA ILE A 296 10.14 -13.03 1.45
C ILE A 296 11.26 -13.55 2.39
N GLY A 297 12.48 -13.56 1.87
CA GLY A 297 13.66 -13.96 2.65
C GLY A 297 13.91 -13.10 3.89
N GLY A 298 13.87 -11.78 3.70
CA GLY A 298 14.06 -10.83 4.81
C GLY A 298 12.96 -11.02 5.86
N LEU A 299 11.73 -11.15 5.40
CA LEU A 299 10.61 -11.35 6.32
C LEU A 299 10.74 -12.68 7.12
N ARG A 300 11.09 -13.77 6.45
CA ARG A 300 11.28 -15.07 7.21
C ARG A 300 12.43 -14.98 8.18
N SER A 301 13.50 -14.31 7.77
CA SER A 301 14.67 -14.11 8.61
C SER A 301 14.33 -13.22 9.82
N GLY A 302 13.54 -12.17 9.58
CA GLY A 302 13.02 -11.37 10.70
C GLY A 302 12.19 -12.17 11.70
N LEU A 303 11.28 -12.99 11.18
CA LEU A 303 10.51 -13.85 12.08
C LEU A 303 11.42 -14.80 12.88
N THR A 304 12.51 -15.26 12.29
CA THR A 304 13.50 -16.10 12.99
C THR A 304 14.21 -15.32 14.13
N TYR A 305 14.73 -14.12 13.83
CA TYR A 305 15.32 -13.26 14.89
C TYR A 305 14.35 -12.99 16.01
N ALA A 306 13.06 -12.92 15.69
CA ALA A 306 12.04 -12.63 16.71
C ALA A 306 11.59 -13.91 17.47
N GLY A 307 12.03 -15.07 17.00
CA GLY A 307 11.57 -16.36 17.53
C GLY A 307 10.09 -16.56 17.31
N ALA A 308 9.56 -15.95 16.23
CA ALA A 308 8.11 -15.86 16.01
C ALA A 308 7.70 -16.90 15.01
N ASP A 309 6.52 -17.47 15.28
CA ASP A 309 5.87 -18.49 14.50
C ASP A 309 5.01 -17.94 13.36
N SER A 310 4.70 -16.65 13.43
CA SER A 310 3.68 -16.05 12.56
C SER A 310 3.78 -14.54 12.71
N ILE A 311 3.08 -13.81 11.86
CA ILE A 311 3.02 -12.35 11.99
C ILE A 311 2.33 -11.92 13.30
N SER A 312 1.29 -12.64 13.69
CA SER A 312 0.63 -12.37 14.96
C SER A 312 1.61 -12.42 16.12
N GLU A 313 2.46 -13.43 16.15
CA GLU A 313 3.43 -13.57 17.25
C GLU A 313 4.49 -12.48 17.20
N LEU A 314 4.92 -12.15 15.98
CA LEU A 314 5.84 -11.03 15.76
C LEU A 314 5.29 -9.77 16.44
N GLN A 315 4.00 -9.51 16.24
CA GLN A 315 3.35 -8.33 16.79
C GLN A 315 3.22 -8.44 18.31
N ARG A 316 2.81 -9.61 18.77
CA ARG A 316 2.60 -9.77 20.19
C ARG A 316 3.90 -9.55 20.97
N LYS A 317 5.03 -10.01 20.42
CA LYS A 317 6.29 -9.99 21.12
C LYS A 317 7.15 -8.76 20.79
N LEU A 318 6.57 -7.82 20.06
CA LEU A 318 7.25 -6.56 19.70
C LEU A 318 8.19 -6.05 20.81
N ASN A 319 9.47 -5.92 20.45
CA ASN A 319 10.47 -5.34 21.35
C ASN A 319 11.47 -4.58 20.50
N TYR A 320 11.65 -3.29 20.79
CA TYR A 320 12.50 -2.48 19.93
C TYR A 320 13.27 -1.48 20.72
N VAL A 321 14.26 -0.86 20.08
CA VAL A 321 14.96 0.27 20.69
C VAL A 321 14.90 1.45 19.72
N ILE A 322 14.96 2.66 20.27
CA ILE A 322 15.09 3.87 19.43
C ILE A 322 16.59 4.16 19.25
N VAL A 323 17.01 4.44 18.04
CA VAL A 323 18.43 4.68 17.77
C VAL A 323 18.67 6.10 17.25
N THR A 324 19.89 6.58 17.40
CA THR A 324 20.30 7.86 16.85
C THR A 324 20.81 7.65 15.42
N GLN A 325 21.15 8.76 14.77
CA GLN A 325 21.80 8.74 13.45
C GLN A 325 23.13 7.97 13.49
N ALA A 326 23.90 8.14 14.57
CA ALA A 326 25.10 7.32 14.76
C ALA A 326 24.75 5.83 14.81
N GLY A 327 23.64 5.50 15.50
CA GLY A 327 23.12 4.12 15.52
C GLY A 327 22.89 3.52 14.12
N ARG A 328 23.05 4.35 13.09
CA ARG A 328 23.13 3.92 11.68
C ARG A 328 24.42 4.45 11.06
#